data_6WIL
#
_entry.id   6WIL
#
_cell.length_a   46.951
_cell.length_b   49.283
_cell.length_c   86.884
_cell.angle_alpha   100.800
_cell.angle_beta   90.370
_cell.angle_gamma   109.940
#
_symmetry.space_group_name_H-M   'P 1'
#
loop_
_entity.id
_entity.type
_entity.pdbx_description
1 polymer 'Hemolysin activator protein CdiB'
2 non-polymer 'SULFATE ION'
3 non-polymer (HYDROXYETHYLOXY)TRI(ETHYLOXY)OCTANE
4 non-polymer DI(HYDROXYETHYL)ETHER
5 water water
#
_entity_poly.entity_id   1
_entity_poly.type   'polypeptide(L)'
_entity_poly.pdbx_seq_one_letter_code
;S(MSE)IEDVSLPSQVLQDQRLKELNQQLQDQLAQQTPYQNTKPLQDFKHLVVEESPCVTVKEISLIPLIGQSESDLQQF
NFVIKAIKKHPQNILGKCIGTQSLHNIVNYAQNELLKKGFITSQIVVSPQDLNHGNLNLSIQIGRLNKIVIQEGKISSLQ
LKTGLPFKAGDIVNLKRLDQGLENLKRVYAVD(MSE)QITPATAQDKELTGYSDLILKLQALQKVNFNLSVDDSGNQDTG
TY(MSE)GNIGIGINNPFHLNDILSLNVSHSLDDFHESLNRSYFISYQLPVGYYDLGFSYNDYQYRQGTVAPESGYPVIY
HGNSQQANLNLSRVISRSGQHKTSVYGKLYHKESQSFLNDIEINVLHRKTSGWNLGVQHRQYLGNAVLDGSIDYRRG
(MSE)GVGARTAPEENITDVYGNHLPVEGYSRAPLWSADLRYTTPFLLLDKPAQYRLNWRGQYAPKILVPNDRFYIGGRY
SVRGFDGEL(MSE)LSGDNGQYVQQEISLNAPIPNTQFY(MSE)AVDQGWVNGRNSIPGQRYLLGSVLGLRTYQNSFYLD
AFTGRGLIAPDSIKKDWVTGFSINLSY
;
_entity_poly.pdbx_strand_id   A
#
loop_
_chem_comp.id
_chem_comp.type
_chem_comp.name
_chem_comp.formula
C8E non-polymer (HYDROXYETHYLOXY)TRI(ETHYLOXY)OCTANE 'C16 H34 O5'
PEG non-polymer DI(HYDROXYETHYL)ETHER 'C4 H10 O3'
SO4 non-polymer 'SULFATE ION' 'O4 S -2'
#
# COMPACT_ATOMS: atom_id res chain seq x y z
N SER A 1 19.30 27.74 31.41
CA SER A 1 18.07 26.98 31.61
C SER A 1 18.09 25.72 30.77
N MSE A 2 17.44 24.66 31.26
CA MSE A 2 17.41 23.38 30.56
C MSE A 2 16.07 23.13 29.88
O MSE A 2 15.07 22.84 30.53
CB MSE A 2 17.73 22.24 31.53
CG MSE A 2 19.12 22.35 32.16
SE MSE A 2 19.54 20.91 33.42
CE MSE A 2 19.79 19.44 32.17
N ILE A 3 16.07 23.25 28.55
CA ILE A 3 14.87 23.00 27.77
C ILE A 3 14.53 21.51 27.83
N GLU A 4 13.24 21.20 27.97
CA GLU A 4 12.81 19.82 28.13
C GLU A 4 11.36 19.68 27.70
N ASP A 5 11.10 18.78 26.77
CA ASP A 5 9.73 18.35 26.47
C ASP A 5 9.52 17.05 27.24
N VAL A 6 8.91 17.18 28.42
CA VAL A 6 8.61 16.03 29.26
C VAL A 6 7.64 15.06 28.61
N SER A 7 7.06 15.45 27.47
CA SER A 7 6.03 14.67 26.79
C SER A 7 6.57 13.88 25.60
N LEU A 8 7.82 14.10 25.20
CA LEU A 8 8.44 13.46 24.05
C LEU A 8 8.17 11.95 23.98
N PRO A 9 8.21 11.22 25.11
CA PRO A 9 7.82 9.81 25.04
C PRO A 9 6.40 9.59 24.55
N SER A 10 5.43 10.33 25.09
CA SER A 10 4.04 10.13 24.68
C SER A 10 3.81 10.52 23.22
N GLN A 11 4.54 11.51 22.72
CA GLN A 11 4.35 11.94 21.33
C GLN A 11 5.00 10.97 20.35
N VAL A 12 6.11 10.34 20.73
CA VAL A 12 6.72 9.32 19.88
C VAL A 12 5.77 8.13 19.73
N LEU A 13 5.22 7.67 20.85
CA LEU A 13 4.28 6.55 20.81
C LEU A 13 3.03 6.90 20.01
N GLN A 14 2.60 8.16 20.06
CA GLN A 14 1.45 8.59 19.27
C GLN A 14 1.77 8.56 17.78
N ASP A 15 2.98 9.00 17.39
CA ASP A 15 3.35 8.99 15.98
C ASP A 15 3.44 7.56 15.44
N GLN A 16 4.04 6.64 16.21
CA GLN A 16 4.09 5.25 15.80
C GLN A 16 2.69 4.67 15.66
N ARG A 17 1.81 4.95 16.62
CA ARG A 17 0.43 4.48 16.54
C ARG A 17 -0.28 5.11 15.34
N LEU A 18 -0.01 6.39 15.07
CA LEU A 18 -0.60 7.05 13.91
C LEU A 18 -0.16 6.39 12.61
N LYS A 19 1.13 6.07 12.50
CA LYS A 19 1.61 5.42 11.28
C LYS A 19 1.01 4.03 11.13
N GLU A 20 0.89 3.28 12.22
CA GLU A 20 0.27 1.96 12.15
C GLU A 20 -1.19 2.07 11.73
N LEU A 21 -1.90 3.08 12.23
CA LEU A 21 -3.30 3.28 11.88
C LEU A 21 -3.47 3.61 10.40
N ASN A 22 -2.61 4.49 9.86
CA ASN A 22 -2.70 4.84 8.45
C ASN A 22 -2.40 3.64 7.56
N GLN A 23 -1.46 2.79 7.98
CA GLN A 23 -1.15 1.60 7.19
C GLN A 23 -2.34 0.65 7.18
N GLN A 24 -3.02 0.50 8.32
CA GLN A 24 -4.17 -0.40 8.38
C GLN A 24 -5.32 0.10 7.53
N LEU A 25 -5.50 1.41 7.44
CA LEU A 25 -6.57 1.94 6.59
C LEU A 25 -6.24 1.77 5.12
N GLN A 26 -4.98 1.99 4.74
CA GLN A 26 -4.57 1.77 3.35
C GLN A 26 -4.69 0.29 2.98
N ASP A 27 -4.33 -0.60 3.91
CA ASP A 27 -4.43 -2.02 3.62
C ASP A 27 -5.87 -2.49 3.46
N GLN A 28 -6.84 -1.74 3.99
CA GLN A 28 -8.24 -2.14 3.88
C GLN A 28 -8.78 -2.04 2.46
N LEU A 29 -8.11 -1.31 1.58
CA LEU A 29 -8.60 -1.09 0.23
C LEU A 29 -8.30 -2.31 -0.63
N ALA A 30 -9.35 -2.94 -1.14
CA ALA A 30 -9.22 -4.21 -1.85
C ALA A 30 -8.49 -4.02 -3.18
N GLN A 31 -7.52 -4.89 -3.44
CA GLN A 31 -6.77 -4.89 -4.69
C GLN A 31 -7.29 -5.97 -5.61
N GLN A 32 -6.92 -5.86 -6.88
CA GLN A 32 -7.23 -6.90 -7.86
C GLN A 32 -6.41 -8.14 -7.58
N THR A 33 -7.05 -9.30 -7.69
CA THR A 33 -6.37 -10.56 -7.44
C THR A 33 -5.24 -10.75 -8.46
N PRO A 34 -4.06 -11.19 -8.02
CA PRO A 34 -2.96 -11.39 -8.96
C PRO A 34 -3.26 -12.48 -9.98
N TYR A 35 -2.60 -12.37 -11.14
CA TYR A 35 -2.77 -13.32 -12.24
C TYR A 35 -1.58 -13.19 -13.18
N GLN A 36 -1.50 -14.12 -14.15
CA GLN A 36 -0.48 -14.11 -15.21
C GLN A 36 -1.19 -14.31 -16.54
N ASN A 37 -1.80 -13.23 -17.04
CA ASN A 37 -2.61 -13.33 -18.25
C ASN A 37 -1.75 -13.51 -19.50
N THR A 38 -0.64 -12.77 -19.60
CA THR A 38 0.26 -12.90 -20.75
C THR A 38 1.10 -14.15 -20.54
N LYS A 39 0.48 -15.30 -20.78
CA LYS A 39 1.11 -16.60 -20.57
C LYS A 39 1.60 -17.13 -21.91
N PRO A 40 2.91 -17.15 -22.18
CA PRO A 40 3.39 -17.66 -23.46
C PRO A 40 3.15 -19.17 -23.57
N LEU A 41 2.25 -19.55 -24.48
CA LEU A 41 2.05 -20.97 -24.76
C LEU A 41 3.34 -21.61 -25.25
N GLN A 42 3.90 -21.06 -26.33
CA GLN A 42 5.18 -21.46 -26.89
C GLN A 42 6.16 -20.33 -26.64
N ASP A 43 7.33 -20.65 -26.10
CA ASP A 43 8.36 -19.61 -26.04
C ASP A 43 8.80 -19.29 -27.46
N PHE A 44 9.18 -18.02 -27.66
CA PHE A 44 9.41 -17.49 -28.99
C PHE A 44 10.90 -17.39 -29.32
N LYS A 45 11.69 -18.35 -28.84
CA LYS A 45 13.13 -18.38 -29.14
C LYS A 45 13.37 -18.35 -30.64
N HIS A 46 12.67 -19.22 -31.38
CA HIS A 46 12.77 -19.27 -32.83
C HIS A 46 11.37 -19.16 -33.42
N LEU A 47 11.14 -18.12 -34.20
CA LEU A 47 9.89 -17.96 -34.94
C LEU A 47 9.99 -18.46 -36.37
N VAL A 48 11.15 -18.33 -37.00
CA VAL A 48 11.36 -18.72 -38.38
C VAL A 48 11.92 -20.15 -38.41
N VAL A 49 11.29 -21.01 -39.22
CA VAL A 49 11.74 -22.37 -39.42
C VAL A 49 11.91 -22.60 -40.92
N GLU A 50 12.54 -23.73 -41.26
CA GLU A 50 12.76 -24.10 -42.66
C GLU A 50 11.51 -24.79 -43.21
N GLU A 51 10.97 -24.27 -44.31
CA GLU A 51 9.64 -24.64 -44.77
C GLU A 51 9.63 -24.93 -46.26
N SER A 52 8.58 -25.65 -46.70
CA SER A 52 8.55 -26.18 -48.05
C SER A 52 8.38 -25.05 -49.06
N PRO A 53 7.23 -24.32 -49.13
CA PRO A 53 7.26 -23.04 -49.86
C PRO A 53 7.42 -21.87 -48.90
N CYS A 54 8.25 -20.90 -49.26
CA CYS A 54 8.49 -19.75 -48.41
C CYS A 54 8.65 -18.51 -49.28
N VAL A 55 8.49 -17.34 -48.65
CA VAL A 55 8.62 -16.06 -49.31
C VAL A 55 9.64 -15.23 -48.55
N THR A 56 10.43 -14.46 -49.29
CA THR A 56 11.45 -13.60 -48.69
C THR A 56 10.79 -12.29 -48.29
N VAL A 57 10.74 -12.01 -46.99
CA VAL A 57 10.14 -10.76 -46.53
C VAL A 57 11.21 -9.67 -46.58
N LYS A 58 10.87 -8.54 -47.21
CA LYS A 58 11.77 -7.41 -47.25
C LYS A 58 11.22 -6.19 -46.52
N GLU A 59 9.95 -6.21 -46.12
CA GLU A 59 9.33 -5.13 -45.37
C GLU A 59 8.33 -5.71 -44.40
N ILE A 60 8.44 -5.32 -43.12
CA ILE A 60 7.43 -5.62 -42.12
C ILE A 60 6.79 -4.30 -41.71
N SER A 61 5.48 -4.19 -41.91
CA SER A 61 4.79 -2.93 -41.70
C SER A 61 3.47 -3.18 -40.99
N LEU A 62 2.99 -2.14 -40.31
CA LEU A 62 1.63 -2.10 -39.79
C LEU A 62 0.78 -1.25 -40.73
N ILE A 63 -0.32 -1.82 -41.20
CA ILE A 63 -1.11 -1.26 -42.28
C ILE A 63 -2.50 -0.98 -41.75
N PRO A 64 -3.04 0.23 -41.95
CA PRO A 64 -4.38 0.53 -41.42
C PRO A 64 -5.46 -0.32 -42.06
N LEU A 65 -6.44 -0.71 -41.27
CA LEU A 65 -7.68 -1.25 -41.81
C LEU A 65 -8.56 -0.10 -42.26
N ILE A 66 -9.76 -0.44 -42.76
CA ILE A 66 -10.69 0.58 -43.22
C ILE A 66 -11.15 1.42 -42.03
N GLY A 67 -11.04 2.74 -42.17
CA GLY A 67 -11.50 3.64 -41.12
C GLY A 67 -10.55 3.81 -39.96
N GLN A 68 -9.30 3.44 -40.11
CA GLN A 68 -8.30 3.57 -39.05
C GLN A 68 -7.38 4.74 -39.39
N SER A 69 -7.31 5.73 -38.49
CA SER A 69 -6.35 6.79 -38.70
C SER A 69 -4.98 6.34 -38.21
N GLU A 70 -3.94 6.93 -38.80
CA GLU A 70 -2.58 6.56 -38.45
C GLU A 70 -2.21 7.04 -37.05
N SER A 71 -2.96 7.99 -36.51
CA SER A 71 -2.86 8.30 -35.09
C SER A 71 -3.36 7.14 -34.23
N ASP A 72 -4.39 6.42 -34.70
CA ASP A 72 -4.81 5.22 -34.01
C ASP A 72 -3.72 4.16 -34.04
N LEU A 73 -2.95 4.10 -35.12
CA LEU A 73 -1.93 3.07 -35.25
C LEU A 73 -0.63 3.45 -34.56
N GLN A 74 -0.39 4.75 -34.36
CA GLN A 74 0.84 5.21 -33.74
C GLN A 74 1.03 4.60 -32.36
N GLN A 75 -0.07 4.29 -31.67
CA GLN A 75 0.00 3.66 -30.35
C GLN A 75 0.47 2.21 -30.42
N PHE A 76 0.34 1.56 -31.57
CA PHE A 76 0.59 0.12 -31.68
C PHE A 76 1.89 -0.22 -32.40
N ASN A 77 2.75 0.76 -32.66
CA ASN A 77 4.00 0.48 -33.35
C ASN A 77 4.93 -0.41 -32.55
N PHE A 78 4.70 -0.58 -31.24
CA PHE A 78 5.51 -1.47 -30.44
C PHE A 78 5.38 -2.92 -30.86
N VAL A 79 4.29 -3.27 -31.56
CA VAL A 79 4.13 -4.62 -32.07
C VAL A 79 5.15 -4.89 -33.18
N ILE A 80 5.28 -3.96 -34.13
CA ILE A 80 6.28 -4.12 -35.17
C ILE A 80 7.69 -3.96 -34.59
N LYS A 81 7.85 -3.04 -33.62
CA LYS A 81 9.13 -2.89 -32.93
C LYS A 81 9.60 -4.22 -32.36
N ALA A 82 8.71 -4.94 -31.67
CA ALA A 82 9.11 -6.20 -31.06
C ALA A 82 9.47 -7.24 -32.11
N ILE A 83 8.75 -7.26 -33.23
CA ILE A 83 9.06 -8.20 -34.31
C ILE A 83 10.47 -7.95 -34.84
N LYS A 84 10.75 -6.71 -35.24
CA LYS A 84 12.05 -6.35 -35.79
C LYS A 84 13.17 -6.46 -34.75
N LYS A 85 12.84 -6.43 -33.46
CA LYS A 85 13.85 -6.53 -32.42
C LYS A 85 14.25 -7.98 -32.13
N HIS A 86 13.42 -8.94 -32.54
CA HIS A 86 13.67 -10.34 -32.21
C HIS A 86 15.03 -10.76 -32.75
N PRO A 87 15.86 -11.43 -31.96
CA PRO A 87 17.24 -11.72 -32.37
C PRO A 87 17.36 -12.68 -33.55
N GLN A 88 16.26 -13.20 -34.09
CA GLN A 88 16.34 -14.04 -35.27
C GLN A 88 16.31 -13.25 -36.56
N ASN A 89 16.15 -11.92 -36.48
CA ASN A 89 16.26 -11.03 -37.63
C ASN A 89 15.31 -11.44 -38.76
N ILE A 90 14.01 -11.41 -38.47
CA ILE A 90 12.96 -11.84 -39.37
C ILE A 90 13.15 -11.24 -40.75
N LEU A 91 13.52 -9.95 -40.79
CA LEU A 91 13.71 -9.24 -42.04
C LEU A 91 14.73 -9.95 -42.92
N GLY A 92 14.33 -10.26 -44.15
CA GLY A 92 15.21 -10.91 -45.11
C GLY A 92 15.20 -12.42 -45.08
N LYS A 93 14.49 -13.05 -44.15
CA LYS A 93 14.44 -14.49 -44.13
C LYS A 93 13.29 -15.00 -45.00
N CYS A 94 13.29 -16.31 -45.24
CA CYS A 94 12.29 -16.96 -46.07
C CYS A 94 11.18 -17.50 -45.18
N ILE A 95 9.98 -16.97 -45.33
CA ILE A 95 8.88 -17.24 -44.41
C ILE A 95 7.84 -18.12 -45.11
N GLY A 96 7.60 -19.30 -44.53
CA GLY A 96 6.50 -20.15 -44.92
C GLY A 96 5.37 -20.08 -43.91
N THR A 97 4.35 -20.90 -44.14
CA THR A 97 3.11 -20.81 -43.37
C THR A 97 3.35 -21.00 -41.88
N GLN A 98 4.25 -21.91 -41.50
CA GLN A 98 4.44 -22.18 -40.08
C GLN A 98 5.17 -21.03 -39.39
N SER A 99 6.19 -20.44 -40.03
CA SER A 99 6.87 -19.30 -39.42
C SER A 99 5.94 -18.09 -39.37
N LEU A 100 5.13 -17.89 -40.41
CA LEU A 100 4.18 -16.78 -40.39
C LEU A 100 3.20 -16.92 -39.23
N HIS A 101 2.75 -18.15 -38.95
CA HIS A 101 1.88 -18.38 -37.81
C HIS A 101 2.58 -18.03 -36.51
N ASN A 102 3.88 -18.34 -36.41
CA ASN A 102 4.62 -18.05 -35.19
C ASN A 102 4.88 -16.56 -35.03
N ILE A 103 5.20 -15.87 -36.13
CA ILE A 103 5.39 -14.43 -36.07
C ILE A 103 4.09 -13.74 -35.64
N VAL A 104 2.96 -14.22 -36.15
CA VAL A 104 1.67 -13.66 -35.75
C VAL A 104 1.39 -13.93 -34.27
N ASN A 105 1.62 -15.17 -33.83
CA ASN A 105 1.41 -15.49 -32.42
C ASN A 105 2.31 -14.68 -31.51
N TYR A 106 3.53 -14.37 -31.97
CA TYR A 106 4.44 -13.57 -31.17
C TYR A 106 3.95 -12.12 -31.06
N ALA A 107 3.48 -11.55 -32.18
CA ALA A 107 2.95 -10.19 -32.15
C ALA A 107 1.65 -10.10 -31.38
N GLN A 108 0.92 -11.21 -31.22
CA GLN A 108 -0.31 -11.20 -30.45
C GLN A 108 -0.01 -11.32 -28.96
N ASN A 109 0.98 -12.14 -28.60
CA ASN A 109 1.43 -12.19 -27.20
C ASN A 109 1.93 -10.83 -26.74
N GLU A 110 2.63 -10.11 -27.63
CA GLU A 110 3.06 -8.76 -27.30
C GLU A 110 1.88 -7.83 -27.12
N LEU A 111 0.81 -8.06 -27.88
CA LEU A 111 -0.42 -7.28 -27.72
C LEU A 111 -1.02 -7.51 -26.35
N LEU A 112 -1.10 -8.78 -25.94
CA LEU A 112 -1.59 -9.11 -24.60
C LEU A 112 -0.64 -8.63 -23.51
N LYS A 113 0.66 -8.59 -23.81
CA LYS A 113 1.63 -8.09 -22.83
C LYS A 113 1.30 -6.66 -22.41
N LYS A 114 0.91 -5.82 -23.36
CA LYS A 114 0.56 -4.43 -23.06
C LYS A 114 -0.90 -4.27 -22.62
N GLY A 115 -1.68 -5.34 -22.60
CA GLY A 115 -3.01 -5.33 -22.01
C GLY A 115 -4.19 -5.28 -22.96
N PHE A 116 -3.97 -5.34 -24.27
CA PHE A 116 -5.07 -5.22 -25.23
C PHE A 116 -5.68 -6.60 -25.46
N ILE A 117 -6.51 -7.03 -24.50
CA ILE A 117 -7.01 -8.39 -24.47
C ILE A 117 -8.11 -8.67 -25.48
N THR A 118 -8.74 -7.63 -26.03
CA THR A 118 -9.80 -7.81 -27.02
C THR A 118 -9.37 -7.37 -28.41
N SER A 119 -8.10 -7.04 -28.60
CA SER A 119 -7.55 -6.73 -29.91
C SER A 119 -6.88 -7.98 -30.49
N GLN A 120 -6.73 -7.97 -31.82
CA GLN A 120 -6.22 -9.14 -32.53
C GLN A 120 -5.33 -8.72 -33.69
N ILE A 121 -4.15 -9.31 -33.76
CA ILE A 121 -3.25 -9.11 -34.89
C ILE A 121 -3.73 -9.97 -36.05
N VAL A 122 -3.95 -9.34 -37.20
CA VAL A 122 -4.28 -10.07 -38.42
C VAL A 122 -3.21 -9.76 -39.47
N VAL A 123 -3.18 -10.59 -40.50
CA VAL A 123 -2.22 -10.46 -41.58
C VAL A 123 -2.97 -10.15 -42.86
N SER A 124 -2.44 -9.23 -43.65
CA SER A 124 -2.95 -8.93 -44.99
C SER A 124 -2.05 -9.60 -46.02
N PRO A 125 -2.25 -10.89 -46.30
CA PRO A 125 -1.23 -11.66 -47.02
C PRO A 125 -1.09 -11.34 -48.50
N GLN A 126 -1.94 -10.46 -49.05
CA GLN A 126 -1.90 -10.17 -50.48
C GLN A 126 -0.53 -9.62 -50.89
N ASP A 127 0.03 -8.72 -50.07
CA ASP A 127 1.28 -8.06 -50.42
C ASP A 127 2.50 -8.94 -50.23
N LEU A 128 2.33 -10.15 -49.69
CA LEU A 128 3.44 -11.09 -49.65
C LEU A 128 3.88 -11.50 -51.06
N ASN A 129 3.05 -11.26 -52.07
CA ASN A 129 3.47 -11.44 -53.45
C ASN A 129 4.68 -10.56 -53.79
N HIS A 130 4.87 -9.46 -53.07
CA HIS A 130 5.99 -8.56 -53.31
C HIS A 130 6.98 -8.56 -52.14
N GLY A 131 6.98 -9.62 -51.33
CA GLY A 131 7.86 -9.71 -50.18
C GLY A 131 7.53 -8.79 -49.04
N ASN A 132 6.32 -8.22 -49.00
CA ASN A 132 5.93 -7.29 -47.94
C ASN A 132 5.05 -8.02 -46.93
N LEU A 133 5.57 -8.20 -45.72
CA LEU A 133 4.75 -8.71 -44.62
C LEU A 133 3.99 -7.53 -44.01
N ASN A 134 2.68 -7.49 -44.25
CA ASN A 134 1.86 -6.38 -43.80
C ASN A 134 0.91 -6.88 -42.71
N LEU A 135 1.12 -6.39 -41.49
CA LEU A 135 0.29 -6.75 -40.36
C LEU A 135 -0.77 -5.69 -40.14
N SER A 136 -1.90 -6.12 -39.58
CA SER A 136 -2.97 -5.20 -39.23
C SER A 136 -3.49 -5.54 -37.85
N ILE A 137 -4.18 -4.59 -37.24
CA ILE A 137 -4.68 -4.75 -35.88
C ILE A 137 -6.20 -4.57 -35.89
N GLN A 138 -6.90 -5.59 -35.42
CA GLN A 138 -8.33 -5.47 -35.14
C GLN A 138 -8.47 -4.83 -33.77
N ILE A 139 -8.62 -3.50 -33.75
CA ILE A 139 -8.68 -2.75 -32.51
C ILE A 139 -10.02 -3.04 -31.82
N GLY A 140 -9.96 -3.73 -30.69
CA GLY A 140 -11.15 -4.01 -29.91
C GLY A 140 -11.48 -2.89 -28.95
N ARG A 141 -12.69 -2.35 -29.05
CA ARG A 141 -13.08 -1.17 -28.30
C ARG A 141 -14.25 -1.48 -27.36
N LEU A 142 -14.54 -0.52 -26.50
CA LEU A 142 -15.62 -0.63 -25.53
C LEU A 142 -16.88 0.00 -26.11
N ASN A 143 -17.99 -0.75 -26.09
CA ASN A 143 -19.24 -0.24 -26.60
C ASN A 143 -20.13 0.35 -25.52
N LYS A 144 -20.44 -0.42 -24.47
CA LYS A 144 -21.27 0.06 -23.37
C LYS A 144 -20.73 -0.47 -22.04
N ILE A 145 -20.84 0.35 -21.01
CA ILE A 145 -20.71 -0.14 -19.64
C ILE A 145 -22.11 -0.44 -19.13
N VAL A 146 -22.35 -1.70 -18.77
CA VAL A 146 -23.68 -2.17 -18.39
C VAL A 146 -23.68 -2.47 -16.90
N ILE A 147 -24.50 -1.73 -16.15
CA ILE A 147 -24.66 -1.95 -14.72
C ILE A 147 -25.86 -2.88 -14.57
N GLN A 148 -25.59 -4.19 -14.63
CA GLN A 148 -26.67 -5.17 -14.52
C GLN A 148 -27.32 -5.13 -13.14
N GLU A 149 -26.58 -4.70 -12.13
CA GLU A 149 -27.05 -4.78 -10.76
C GLU A 149 -26.31 -3.74 -9.91
N GLY A 150 -27.04 -3.07 -9.04
CA GLY A 150 -26.47 -2.09 -8.14
C GLY A 150 -26.60 -0.67 -8.67
N LYS A 151 -26.63 0.29 -7.76
CA LYS A 151 -26.77 1.69 -8.10
C LYS A 151 -25.42 2.38 -8.12
N ILE A 152 -25.15 3.12 -9.19
CA ILE A 152 -23.92 3.88 -9.31
C ILE A 152 -24.20 5.10 -10.17
N SER A 153 -23.88 6.29 -9.66
CA SER A 153 -24.12 7.51 -10.41
C SER A 153 -23.17 7.58 -11.60
N SER A 154 -23.57 8.36 -12.59
CA SER A 154 -22.71 8.55 -13.77
C SER A 154 -21.40 9.22 -13.40
N LEU A 155 -21.41 10.10 -12.40
CA LEU A 155 -20.18 10.72 -11.94
C LEU A 155 -19.24 9.69 -11.34
N GLN A 156 -19.78 8.75 -10.55
CA GLN A 156 -18.97 7.70 -9.97
C GLN A 156 -18.23 6.89 -11.03
N LEU A 157 -18.92 6.53 -12.11
CA LEU A 157 -18.26 5.80 -13.19
C LEU A 157 -17.16 6.63 -13.84
N LYS A 158 -17.44 7.91 -14.08
CA LYS A 158 -16.46 8.77 -14.75
C LYS A 158 -15.20 8.94 -13.91
N THR A 159 -15.35 9.09 -12.59
CA THR A 159 -14.18 9.32 -11.75
C THR A 159 -13.49 8.03 -11.34
N GLY A 160 -14.25 6.96 -11.13
CA GLY A 160 -13.65 5.69 -10.76
C GLY A 160 -13.02 4.93 -11.90
N LEU A 161 -13.54 5.07 -13.12
CA LEU A 161 -13.01 4.34 -14.27
C LEU A 161 -12.21 5.28 -15.14
N PRO A 162 -10.93 5.01 -15.40
CA PRO A 162 -10.12 5.92 -16.24
C PRO A 162 -10.40 5.75 -17.73
N PHE A 163 -11.50 5.09 -18.07
CA PHE A 163 -11.89 4.86 -19.46
C PHE A 163 -13.35 5.22 -19.64
N LYS A 164 -13.78 5.29 -20.90
CA LYS A 164 -15.15 5.63 -21.24
C LYS A 164 -15.60 4.79 -22.42
N ALA A 165 -16.88 4.92 -22.76
CA ALA A 165 -17.43 4.22 -23.91
C ALA A 165 -16.74 4.70 -25.19
N GLY A 166 -16.39 3.75 -26.05
CA GLY A 166 -15.68 4.05 -27.28
C GLY A 166 -14.18 3.98 -27.19
N ASP A 167 -13.62 3.83 -26.00
CA ASP A 167 -12.17 3.70 -25.85
C ASP A 167 -11.70 2.29 -26.21
N ILE A 168 -10.40 2.15 -26.34
CA ILE A 168 -9.79 0.85 -26.62
C ILE A 168 -9.69 0.06 -25.32
N VAL A 169 -10.13 -1.20 -25.35
CA VAL A 169 -10.14 -2.03 -24.15
C VAL A 169 -8.72 -2.37 -23.75
N ASN A 170 -8.34 -1.99 -22.53
CA ASN A 170 -7.03 -2.32 -21.97
C ASN A 170 -7.22 -2.87 -20.57
N LEU A 171 -6.56 -3.99 -20.28
CA LEU A 171 -6.73 -4.68 -19.00
C LEU A 171 -6.16 -3.90 -17.83
N LYS A 172 -5.17 -3.02 -18.07
CA LYS A 172 -4.63 -2.22 -16.97
C LYS A 172 -5.65 -1.21 -16.47
N ARG A 173 -6.41 -0.62 -17.39
CA ARG A 173 -7.45 0.34 -17.01
C ARG A 173 -8.68 -0.34 -16.43
N LEU A 174 -9.02 -1.54 -16.92
CA LEU A 174 -10.10 -2.29 -16.30
C LEU A 174 -9.77 -2.63 -14.85
N ASP A 175 -8.53 -3.07 -14.60
CA ASP A 175 -8.14 -3.44 -13.25
C ASP A 175 -8.10 -2.23 -12.32
N GLN A 176 -7.60 -1.10 -12.83
CA GLN A 176 -7.59 0.12 -12.02
C GLN A 176 -8.99 0.54 -11.64
N GLY A 177 -9.89 0.63 -12.62
CA GLY A 177 -11.26 0.99 -12.33
C GLY A 177 -11.96 0.00 -11.43
N LEU A 178 -11.70 -1.30 -11.64
CA LEU A 178 -12.26 -2.32 -10.77
C LEU A 178 -11.79 -2.13 -9.33
N GLU A 179 -10.52 -1.79 -9.13
CA GLU A 179 -10.01 -1.60 -7.78
C GLU A 179 -10.65 -0.38 -7.13
N ASN A 180 -10.85 0.69 -7.90
CA ASN A 180 -11.52 1.88 -7.37
C ASN A 180 -12.95 1.57 -6.94
N LEU A 181 -13.65 0.73 -7.70
CA LEU A 181 -15.03 0.41 -7.35
C LEU A 181 -15.10 -0.55 -6.17
N LYS A 182 -14.07 -1.37 -5.97
CA LYS A 182 -14.09 -2.32 -4.86
C LYS A 182 -13.86 -1.66 -3.51
N ARG A 183 -13.56 -0.35 -3.47
CA ARG A 183 -13.50 0.34 -2.20
C ARG A 183 -14.89 0.47 -1.59
N VAL A 184 -15.93 0.60 -2.41
CA VAL A 184 -17.29 0.81 -1.92
C VAL A 184 -18.27 -0.25 -2.38
N TYR A 185 -17.91 -1.09 -3.34
CA TYR A 185 -18.80 -2.15 -3.82
C TYR A 185 -18.11 -3.51 -3.74
N ALA A 186 -18.94 -4.54 -3.63
CA ALA A 186 -18.55 -5.87 -4.09
C ALA A 186 -18.82 -5.91 -5.60
N VAL A 187 -17.78 -6.20 -6.38
CA VAL A 187 -17.82 -6.02 -7.82
C VAL A 187 -17.68 -7.36 -8.53
N ASP A 188 -18.48 -7.56 -9.58
CA ASP A 188 -18.30 -8.64 -10.52
C ASP A 188 -18.16 -8.03 -11.91
N MSE A 189 -17.07 -8.34 -12.58
CA MSE A 189 -16.78 -7.73 -13.88
C MSE A 189 -16.63 -8.82 -14.95
O MSE A 189 -15.88 -9.78 -14.77
CB MSE A 189 -15.51 -6.86 -13.79
CG MSE A 189 -15.27 -5.93 -14.99
SE MSE A 189 -13.61 -4.85 -14.87
CE MSE A 189 -14.28 -3.33 -13.82
N GLN A 190 -17.37 -8.67 -16.04
CA GLN A 190 -17.30 -9.58 -17.17
C GLN A 190 -17.20 -8.81 -18.47
N ILE A 191 -16.47 -9.38 -19.42
CA ILE A 191 -16.36 -8.84 -20.78
C ILE A 191 -17.13 -9.75 -21.72
N THR A 192 -18.00 -9.16 -22.53
CA THR A 192 -18.80 -9.88 -23.51
C THR A 192 -18.77 -9.12 -24.83
N PRO A 193 -18.92 -9.83 -25.95
CA PRO A 193 -19.01 -9.14 -27.24
C PRO A 193 -20.28 -8.31 -27.34
N ALA A 194 -20.19 -7.18 -28.01
CA ALA A 194 -21.33 -6.30 -28.20
C ALA A 194 -22.23 -6.81 -29.32
N THR A 195 -23.54 -6.74 -29.10
CA THR A 195 -24.52 -7.27 -30.03
C THR A 195 -25.24 -6.13 -30.77
N ALA A 196 -25.40 -6.31 -32.07
CA ALA A 196 -26.11 -5.34 -32.92
C ALA A 196 -27.16 -6.10 -33.73
N GLN A 197 -28.43 -5.84 -33.43
CA GLN A 197 -29.55 -6.51 -34.11
C GLN A 197 -29.46 -8.02 -34.01
N LYS A 199 -26.20 -9.87 -35.59
CA LYS A 199 -26.49 -9.98 -34.17
C LYS A 199 -25.24 -9.69 -33.32
N GLU A 200 -24.37 -8.81 -33.82
CA GLU A 200 -23.13 -8.50 -33.11
C GLU A 200 -22.49 -7.24 -33.71
N LEU A 201 -21.86 -6.46 -32.85
CA LEU A 201 -20.89 -5.45 -33.28
C LEU A 201 -19.50 -6.10 -33.23
N THR A 202 -18.80 -6.10 -34.37
CA THR A 202 -17.66 -6.99 -34.51
C THR A 202 -16.45 -6.52 -33.70
N GLY A 203 -16.21 -5.21 -33.65
CA GLY A 203 -15.00 -4.73 -33.01
C GLY A 203 -15.21 -4.18 -31.62
N TYR A 204 -16.31 -4.57 -30.96
CA TYR A 204 -16.71 -3.91 -29.73
C TYR A 204 -17.06 -4.92 -28.63
N SER A 205 -16.96 -4.44 -27.40
CA SER A 205 -17.17 -5.24 -26.21
C SER A 205 -18.11 -4.51 -25.26
N ASP A 206 -18.80 -5.28 -24.43
CA ASP A 206 -19.65 -4.73 -23.38
C ASP A 206 -19.08 -5.13 -22.03
N LEU A 207 -18.97 -4.15 -21.13
CA LEU A 207 -18.45 -4.35 -19.79
C LEU A 207 -19.64 -4.56 -18.85
N ILE A 208 -19.86 -5.81 -18.47
CA ILE A 208 -20.98 -6.18 -17.61
C ILE A 208 -20.53 -6.10 -16.16
N LEU A 209 -21.14 -5.19 -15.39
CA LEU A 209 -20.81 -4.97 -13.99
C LEU A 209 -21.98 -5.36 -13.10
N LYS A 210 -21.73 -6.20 -12.11
CA LYS A 210 -22.70 -6.52 -11.06
C LYS A 210 -22.15 -5.97 -9.74
N LEU A 211 -22.85 -4.99 -9.16
CA LEU A 211 -22.39 -4.28 -7.98
C LEU A 211 -23.33 -4.52 -6.81
N GLN A 212 -22.75 -4.60 -5.62
CA GLN A 212 -23.49 -4.71 -4.37
C GLN A 212 -22.81 -3.82 -3.34
N ALA A 213 -23.52 -2.79 -2.89
CA ALA A 213 -22.92 -1.81 -2.00
C ALA A 213 -22.46 -2.47 -0.70
N LEU A 214 -21.29 -2.03 -0.22
CA LEU A 214 -20.78 -2.50 1.06
C LEU A 214 -21.45 -1.74 2.20
N GLN A 215 -21.40 -2.34 3.40
CA GLN A 215 -22.01 -1.73 4.58
C GLN A 215 -21.56 -0.28 4.73
N LYS A 216 -22.54 0.63 4.83
CA LYS A 216 -22.24 2.05 4.75
C LYS A 216 -21.47 2.54 5.97
N VAL A 217 -21.79 2.04 7.16
CA VAL A 217 -21.21 2.53 8.40
C VAL A 217 -20.60 1.35 9.15
N ASN A 218 -19.34 1.49 9.54
CA ASN A 218 -18.62 0.44 10.23
C ASN A 218 -18.03 0.98 11.52
N PHE A 219 -18.14 0.18 12.59
CA PHE A 219 -17.64 0.55 13.89
C PHE A 219 -16.57 -0.43 14.34
N ASN A 220 -15.60 0.08 15.07
CA ASN A 220 -14.53 -0.73 15.63
C ASN A 220 -14.18 -0.17 17.00
N LEU A 221 -14.46 -0.94 18.05
CA LEU A 221 -14.08 -0.59 19.40
C LEU A 221 -12.98 -1.53 19.88
N SER A 222 -11.88 -0.94 20.36
CA SER A 222 -10.73 -1.70 20.81
C SER A 222 -10.35 -1.28 22.22
N VAL A 223 -9.86 -2.26 22.99
CA VAL A 223 -9.21 -2.03 24.26
C VAL A 223 -7.91 -2.80 24.27
N ASP A 224 -6.83 -2.16 24.72
CA ASP A 224 -5.53 -2.80 24.79
C ASP A 224 -4.92 -2.57 26.15
N ASP A 225 -4.35 -3.63 26.73
CA ASP A 225 -3.68 -3.58 28.03
C ASP A 225 -2.30 -4.20 27.85
N SER A 226 -1.29 -3.36 27.65
CA SER A 226 0.09 -3.80 27.51
C SER A 226 0.93 -3.23 28.63
N GLY A 227 1.98 -3.94 28.99
CA GLY A 227 2.92 -3.45 29.98
C GLY A 227 3.81 -4.58 30.48
N ASN A 228 4.59 -4.25 31.51
CA ASN A 228 5.35 -5.25 32.25
C ASN A 228 4.53 -5.70 33.46
N GLN A 229 5.14 -6.58 34.26
CA GLN A 229 4.44 -7.12 35.41
C GLN A 229 4.25 -6.10 36.53
N ASP A 230 4.90 -4.94 36.44
CA ASP A 230 4.74 -3.87 37.42
C ASP A 230 3.77 -2.79 36.97
N THR A 231 3.94 -2.29 35.74
CA THR A 231 3.15 -1.17 35.24
C THR A 231 2.69 -1.49 33.82
N GLY A 232 1.79 -0.65 33.30
CA GLY A 232 1.26 -0.89 31.97
C GLY A 232 0.45 0.26 31.46
N THR A 233 0.03 0.14 30.20
CA THR A 233 -0.76 1.14 29.51
C THR A 233 -2.10 0.53 29.09
N TYR A 234 -3.16 1.32 29.18
CA TYR A 234 -4.52 0.88 28.89
C TYR A 234 -5.13 1.81 27.85
N MSE A 235 -5.48 1.25 26.69
CA MSE A 235 -5.97 2.04 25.57
C MSE A 235 -7.41 1.71 25.19
O MSE A 235 -7.85 0.57 25.31
CB MSE A 235 -5.08 1.82 24.34
CG MSE A 235 -4.04 2.90 24.12
SE MSE A 235 -2.88 2.46 22.61
CE MSE A 235 -4.24 1.92 21.33
N GLY A 236 -8.13 2.72 24.73
CA GLY A 236 -9.46 2.53 24.19
C GLY A 236 -9.62 3.26 22.87
N ASN A 237 -10.10 2.56 21.85
CA ASN A 237 -10.23 3.12 20.51
C ASN A 237 -11.66 2.97 20.02
N ILE A 238 -12.19 4.04 19.43
CA ILE A 238 -13.46 4.01 18.73
C ILE A 238 -13.17 4.38 17.29
N GLY A 239 -13.33 3.42 16.38
CA GLY A 239 -13.13 3.64 14.95
C GLY A 239 -14.45 3.62 14.22
N ILE A 240 -14.64 4.59 13.34
CA ILE A 240 -15.83 4.67 12.51
C ILE A 240 -15.40 4.73 11.05
N GLY A 241 -15.88 3.80 10.25
CA GLY A 241 -15.67 3.84 8.81
C GLY A 241 -16.97 4.10 8.07
N ILE A 242 -17.01 5.17 7.30
CA ILE A 242 -18.16 5.52 6.47
C ILE A 242 -17.79 5.26 5.02
N ASN A 243 -18.61 4.47 4.33
CA ASN A 243 -18.31 3.96 3.00
C ASN A 243 -19.14 4.71 1.97
N ASN A 244 -18.45 5.36 1.03
CA ASN A 244 -19.06 6.07 -0.10
C ASN A 244 -20.02 7.18 0.36
N PRO A 245 -19.64 8.03 1.32
CA PRO A 245 -20.62 9.00 1.85
C PRO A 245 -21.07 10.03 0.83
N PHE A 246 -20.16 10.60 0.05
CA PHE A 246 -20.51 11.57 -0.98
C PHE A 246 -20.68 10.95 -2.35
N HIS A 247 -20.84 9.62 -2.41
CA HIS A 247 -21.04 8.89 -3.68
C HIS A 247 -19.97 9.25 -4.70
N LEU A 248 -18.72 9.13 -4.28
CA LEU A 248 -17.56 9.41 -5.12
C LEU A 248 -16.55 8.28 -5.02
N ASN A 249 -17.02 7.07 -4.68
CA ASN A 249 -16.13 5.95 -4.35
C ASN A 249 -15.17 6.33 -3.23
N ASP A 250 -15.63 7.24 -2.36
CA ASP A 250 -14.82 7.80 -1.30
C ASP A 250 -14.97 7.01 0.00
N ILE A 251 -14.01 7.19 0.89
CA ILE A 251 -14.01 6.51 2.19
C ILE A 251 -13.62 7.52 3.25
N LEU A 252 -14.45 7.64 4.28
CA LEU A 252 -14.21 8.54 5.40
C LEU A 252 -13.99 7.71 6.65
N SER A 253 -12.88 7.94 7.33
CA SER A 253 -12.50 7.19 8.51
C SER A 253 -12.33 8.15 9.69
N LEU A 254 -12.81 7.73 10.85
CA LEU A 254 -12.72 8.51 12.08
C LEU A 254 -12.21 7.61 13.20
N ASN A 255 -11.30 8.15 14.01
CA ASN A 255 -10.76 7.39 15.13
C ASN A 255 -10.58 8.31 16.33
N VAL A 256 -11.04 7.87 17.49
CA VAL A 256 -10.85 8.56 18.76
C VAL A 256 -10.18 7.61 19.73
N SER A 257 -9.07 8.02 20.31
CA SER A 257 -8.27 7.17 21.18
C SER A 257 -8.12 7.81 22.55
N HIS A 258 -8.19 6.98 23.59
CA HIS A 258 -7.91 7.38 24.96
C HIS A 258 -6.88 6.42 25.54
N SER A 259 -5.87 6.97 26.19
CA SER A 259 -4.78 6.15 26.72
C SER A 259 -4.44 6.57 28.14
N LEU A 260 -4.09 5.59 28.96
CA LEU A 260 -3.65 5.82 30.34
C LEU A 260 -2.31 5.11 30.50
N ASP A 261 -1.22 5.87 30.38
CA ASP A 261 0.14 5.31 30.42
C ASP A 261 0.69 5.46 31.83
N ASP A 262 0.84 4.33 32.53
CA ASP A 262 1.44 4.35 33.86
C ASP A 262 2.95 4.44 33.82
N PHE A 263 3.57 4.12 32.67
CA PHE A 263 5.02 4.25 32.55
C PHE A 263 5.45 5.70 32.70
N HIS A 264 4.75 6.63 32.04
CA HIS A 264 5.05 8.05 32.12
C HIS A 264 3.95 8.83 32.84
N GLU A 265 3.12 8.13 33.63
CA GLU A 265 2.04 8.73 34.44
C GLU A 265 1.27 9.79 33.64
N SER A 266 0.78 9.38 32.48
CA SER A 266 0.22 10.28 31.49
C SER A 266 -1.18 9.85 31.07
N LEU A 267 -1.93 10.83 30.56
CA LEU A 267 -3.27 10.63 30.04
C LEU A 267 -3.33 11.28 28.67
N ASN A 268 -3.73 10.51 27.66
CA ASN A 268 -3.68 10.97 26.27
C ASN A 268 -5.01 10.74 25.58
N ARG A 269 -5.42 11.72 24.78
CA ARG A 269 -6.59 11.61 23.92
C ARG A 269 -6.18 12.00 22.50
N SER A 270 -6.82 11.36 21.51
CA SER A 270 -6.41 11.54 20.12
C SER A 270 -7.61 11.43 19.19
N TYR A 271 -7.76 12.41 18.31
CA TYR A 271 -8.80 12.43 17.29
C TYR A 271 -8.15 12.39 15.91
N PHE A 272 -8.66 11.52 15.03
CA PHE A 272 -8.09 11.32 13.70
C PHE A 272 -9.20 11.18 12.67
N ILE A 273 -9.10 11.93 11.58
CA ILE A 273 -10.05 11.87 10.49
C ILE A 273 -9.30 11.72 9.18
N SER A 274 -9.77 10.83 8.32
CA SER A 274 -9.14 10.56 7.04
C SER A 274 -10.21 10.49 5.96
N TYR A 275 -9.96 11.17 4.85
CA TYR A 275 -10.84 11.12 3.68
C TYR A 275 -10.01 10.77 2.45
N GLN A 276 -10.56 9.91 1.61
CA GLN A 276 -9.83 9.38 0.47
C GLN A 276 -10.81 9.09 -0.66
N LEU A 277 -10.53 9.60 -1.86
CA LEU A 277 -11.32 9.29 -3.03
C LEU A 277 -10.40 9.09 -4.23
N PRO A 278 -10.71 8.13 -5.11
CA PRO A 278 -9.89 7.92 -6.30
C PRO A 278 -10.41 8.67 -7.51
N VAL A 279 -9.48 9.04 -8.38
CA VAL A 279 -9.81 9.58 -9.70
C VAL A 279 -9.02 8.82 -10.75
N GLY A 280 -9.56 7.69 -11.21
CA GLY A 280 -8.85 6.88 -12.17
C GLY A 280 -7.56 6.32 -11.60
N TYR A 281 -6.45 6.63 -12.27
CA TYR A 281 -5.13 6.25 -11.77
C TYR A 281 -4.66 7.11 -10.61
N TYR A 282 -5.32 8.24 -10.35
CA TYR A 282 -4.93 9.11 -9.26
C TYR A 282 -5.60 8.70 -7.96
N ASP A 283 -5.06 9.21 -6.87
CA ASP A 283 -5.65 9.02 -5.55
C ASP A 283 -5.47 10.29 -4.75
N LEU A 284 -6.55 10.78 -4.16
CA LEU A 284 -6.53 12.00 -3.36
C LEU A 284 -6.89 11.68 -1.92
N GLY A 285 -6.13 12.20 -0.98
CA GLY A 285 -6.41 11.96 0.41
C GLY A 285 -6.10 13.18 1.25
N PHE A 286 -6.83 13.32 2.35
CA PHE A 286 -6.46 14.31 3.35
C PHE A 286 -6.77 13.74 4.72
N SER A 287 -5.97 14.13 5.70
CA SER A 287 -6.13 13.64 7.06
C SER A 287 -5.84 14.76 8.04
N TYR A 288 -6.31 14.57 9.27
CA TYR A 288 -6.12 15.54 10.33
C TYR A 288 -6.04 14.77 11.64
N ASN A 289 -5.06 15.13 12.48
CA ASN A 289 -4.89 14.50 13.77
C ASN A 289 -4.79 15.56 14.85
N ASP A 290 -5.54 15.38 15.93
CA ASP A 290 -5.49 16.25 17.10
C ASP A 290 -5.09 15.40 18.29
N TYR A 291 -4.02 15.80 18.98
CA TYR A 291 -3.47 15.02 20.07
C TYR A 291 -3.35 15.90 21.32
N GLN A 292 -3.82 15.38 22.44
CA GLN A 292 -3.75 16.09 23.71
C GLN A 292 -3.25 15.15 24.80
N TYR A 293 -2.56 15.72 25.79
CA TYR A 293 -2.04 14.93 26.89
C TYR A 293 -2.10 15.74 28.18
N ARG A 294 -2.07 15.03 29.30
CA ARG A 294 -1.86 15.60 30.61
C ARG A 294 -0.92 14.68 31.38
N GLN A 295 0.07 15.26 32.06
CA GLN A 295 1.10 14.47 32.71
C GLN A 295 1.44 15.05 34.08
N GLY A 296 1.58 14.17 35.06
CA GLY A 296 1.84 14.54 36.43
C GLY A 296 0.84 13.88 37.37
N THR A 297 1.00 14.18 38.65
CA THR A 297 0.12 13.67 39.69
C THR A 297 -0.96 14.71 39.98
N VAL A 298 -2.22 14.32 39.83
CA VAL A 298 -3.33 15.26 39.96
C VAL A 298 -3.48 15.74 41.40
N ALA A 299 -3.18 14.87 42.38
CA ALA A 299 -3.27 15.20 43.80
C ALA A 299 -1.98 14.72 44.46
N PRO A 300 -0.92 15.51 44.40
CA PRO A 300 0.38 15.06 44.91
C PRO A 300 0.46 15.13 46.42
N GLU A 301 1.44 14.40 46.96
CA GLU A 301 1.67 14.42 48.40
C GLU A 301 2.18 15.78 48.88
N SER A 302 2.92 16.49 48.02
CA SER A 302 3.51 17.76 48.43
C SER A 302 2.47 18.85 48.65
N GLY A 303 1.28 18.70 48.07
CA GLY A 303 0.34 19.80 48.01
C GLY A 303 0.61 20.78 46.89
N TYR A 304 1.65 20.55 46.09
CA TYR A 304 2.03 21.39 44.97
C TYR A 304 1.76 20.63 43.68
N PRO A 305 0.62 20.85 43.01
CA PRO A 305 0.30 20.07 41.81
C PRO A 305 1.09 20.55 40.60
N VAL A 306 1.80 19.62 39.96
CA VAL A 306 2.65 19.92 38.81
C VAL A 306 2.13 19.09 37.64
N ILE A 307 1.40 19.74 36.74
CA ILE A 307 0.79 19.08 35.59
C ILE A 307 1.37 19.67 34.32
N TYR A 308 1.98 18.81 33.50
CA TYR A 308 2.40 19.18 32.16
C TYR A 308 1.34 18.71 31.16
N HIS A 309 0.85 19.64 30.35
CA HIS A 309 -0.17 19.34 29.36
C HIS A 309 0.07 20.15 28.09
N GLY A 310 -0.38 19.61 26.97
CA GLY A 310 -0.20 20.31 25.69
C GLY A 310 -1.01 19.64 24.61
N ASN A 311 -1.12 20.36 23.49
CA ASN A 311 -1.89 19.92 22.34
C ASN A 311 -1.02 19.92 21.09
N SER A 312 -1.45 19.14 20.09
CA SER A 312 -0.73 19.03 18.84
C SER A 312 -1.72 18.74 17.73
N GLN A 313 -1.58 19.46 16.61
CA GLN A 313 -2.44 19.28 15.45
C GLN A 313 -1.58 19.01 14.23
N GLN A 314 -2.09 18.20 13.31
CA GLN A 314 -1.38 17.87 12.08
C GLN A 314 -2.38 17.70 10.95
N ALA A 315 -2.15 18.42 9.85
CA ALA A 315 -3.00 18.35 8.67
C ALA A 315 -2.16 17.89 7.48
N ASN A 316 -2.72 16.97 6.68
CA ASN A 316 -2.00 16.39 5.56
C ASN A 316 -2.88 16.34 4.32
N LEU A 317 -2.27 16.63 3.17
CA LEU A 317 -2.90 16.48 1.86
C LEU A 317 -2.03 15.56 1.01
N ASN A 318 -2.64 14.55 0.41
CA ASN A 318 -1.90 13.52 -0.34
C ASN A 318 -2.43 13.39 -1.75
N LEU A 319 -1.51 13.19 -2.70
CA LEU A 319 -1.84 12.88 -4.08
C LEU A 319 -0.88 11.82 -4.59
N SER A 320 -1.42 10.71 -5.08
CA SER A 320 -0.62 9.64 -5.65
C SER A 320 -1.18 9.26 -7.02
N ARG A 321 -0.32 8.72 -7.87
CA ARG A 321 -0.72 8.31 -9.21
C ARG A 321 -0.08 6.98 -9.53
N VAL A 322 -0.90 6.02 -9.95
CA VAL A 322 -0.37 4.75 -10.43
C VAL A 322 0.34 4.98 -11.76
N ILE A 323 1.63 4.63 -11.82
CA ILE A 323 2.44 4.88 -13.00
C ILE A 323 2.63 3.59 -13.79
N SER A 324 2.54 2.44 -13.11
CA SER A 324 2.74 1.15 -13.75
C SER A 324 2.04 0.07 -12.95
N ARG A 325 1.38 -0.85 -13.66
CA ARG A 325 0.72 -1.96 -12.98
C ARG A 325 0.61 -3.13 -13.95
N SER A 326 0.37 -4.31 -13.36
CA SER A 326 0.11 -5.52 -14.14
C SER A 326 -0.62 -6.50 -13.22
N GLY A 327 -0.80 -7.71 -13.73
CA GLY A 327 -1.41 -8.76 -12.92
C GLY A 327 -0.59 -9.14 -11.70
N GLN A 328 0.69 -8.77 -11.66
CA GLN A 328 1.55 -9.15 -10.55
C GLN A 328 2.24 -7.97 -9.88
N HIS A 329 1.95 -6.73 -10.27
CA HIS A 329 2.62 -5.62 -9.62
C HIS A 329 1.78 -4.35 -9.75
N LYS A 330 2.03 -3.41 -8.84
CA LYS A 330 1.41 -2.10 -8.85
C LYS A 330 2.40 -1.09 -8.31
N THR A 331 2.67 -0.03 -9.07
CA THR A 331 3.66 0.98 -8.72
C THR A 331 3.02 2.37 -8.82
N SER A 332 3.32 3.22 -7.84
CA SER A 332 2.75 4.56 -7.84
C SER A 332 3.74 5.53 -7.22
N VAL A 333 3.65 6.79 -7.66
CA VAL A 333 4.40 7.90 -7.06
C VAL A 333 3.41 8.77 -6.31
N TYR A 334 3.87 9.39 -5.23
CA TYR A 334 2.98 10.21 -4.42
C TYR A 334 3.69 11.46 -3.96
N GLY A 335 2.88 12.44 -3.53
CA GLY A 335 3.37 13.64 -2.89
C GLY A 335 2.49 14.03 -1.72
N LYS A 336 3.09 14.42 -0.59
CA LYS A 336 2.35 14.84 0.59
C LYS A 336 2.65 16.28 0.93
N LEU A 337 1.65 16.99 1.43
CA LEU A 337 1.81 18.29 2.06
C LEU A 337 1.34 18.17 3.50
N TYR A 338 2.16 18.66 4.44
CA TYR A 338 1.84 18.54 5.85
C TYR A 338 2.12 19.85 6.57
N HIS A 339 1.34 20.09 7.63
CA HIS A 339 1.56 21.20 8.55
C HIS A 339 1.35 20.69 9.97
N LYS A 340 2.29 21.01 10.86
CA LYS A 340 2.25 20.61 12.25
C LYS A 340 2.32 21.82 13.15
N GLU A 341 1.64 21.74 14.29
CA GLU A 341 1.66 22.79 15.29
C GLU A 341 1.56 22.15 16.67
N SER A 342 2.40 22.62 17.59
CA SER A 342 2.50 22.00 18.90
C SER A 342 2.82 23.07 19.94
N GLN A 343 2.16 22.98 21.09
CA GLN A 343 2.43 23.87 22.21
C GLN A 343 2.33 23.09 23.51
N SER A 344 3.13 23.49 24.50
CA SER A 344 3.21 22.82 25.79
C SER A 344 2.89 23.79 26.91
N PHE A 345 2.43 23.25 28.04
CA PHE A 345 2.04 24.06 29.18
C PHE A 345 2.56 23.44 30.47
N LEU A 346 2.70 24.28 31.49
CA LEU A 346 2.96 23.85 32.86
C LEU A 346 1.98 24.58 33.76
N ASN A 347 1.03 23.82 34.32
CA ASN A 347 -0.04 24.37 35.16
C ASN A 347 -0.69 25.58 34.50
N ASP A 348 -1.08 25.38 33.23
CA ASP A 348 -1.78 26.38 32.43
C ASP A 348 -0.91 27.59 32.09
N ILE A 349 0.40 27.49 32.24
CA ILE A 349 1.34 28.52 31.78
C ILE A 349 2.09 27.96 30.59
N GLU A 350 2.07 28.70 29.47
CA GLU A 350 2.68 28.22 28.24
C GLU A 350 4.19 28.36 28.28
N ILE A 351 4.88 27.32 27.83
CA ILE A 351 6.33 27.33 27.67
C ILE A 351 6.61 27.81 26.23
N ASN A 352 7.07 29.06 26.11
CA ASN A 352 7.18 29.68 24.79
C ASN A 352 8.11 28.91 23.87
N VAL A 353 9.30 28.55 24.35
CA VAL A 353 10.30 27.91 23.49
C VAL A 353 9.88 26.54 22.99
N LEU A 354 8.76 25.99 23.49
CA LEU A 354 8.27 24.71 23.02
C LEU A 354 7.11 24.85 22.05
N HIS A 355 6.74 26.08 21.67
CA HIS A 355 5.73 26.30 20.66
C HIS A 355 6.35 26.09 19.28
N ARG A 356 5.86 25.09 18.56
CA ARG A 356 6.48 24.67 17.31
C ARG A 356 5.45 24.57 16.20
N LYS A 357 5.63 25.36 15.15
CA LYS A 357 4.92 25.20 13.89
C LYS A 357 5.90 24.72 12.83
N THR A 358 5.57 23.62 12.16
CA THR A 358 6.38 23.12 11.07
C THR A 358 5.50 22.80 9.87
N SER A 359 6.12 22.77 8.69
CA SER A 359 5.42 22.43 7.47
C SER A 359 6.44 21.93 6.46
N GLY A 360 5.96 21.20 5.47
CA GLY A 360 6.85 20.68 4.45
C GLY A 360 6.11 19.81 3.46
N TRP A 361 6.89 19.04 2.68
CA TRP A 361 6.33 18.17 1.67
C TRP A 361 7.08 16.86 1.64
N ASN A 362 6.39 15.82 1.16
CA ASN A 362 6.96 14.50 0.97
C ASN A 362 6.82 14.12 -0.50
N LEU A 363 7.87 13.49 -1.03
CA LEU A 363 7.84 12.86 -2.34
C LEU A 363 8.26 11.41 -2.16
N GLY A 364 7.55 10.50 -2.80
CA GLY A 364 7.89 9.11 -2.64
C GLY A 364 7.33 8.24 -3.74
N VAL A 365 7.68 6.96 -3.65
CA VAL A 365 7.23 5.94 -4.59
C VAL A 365 6.94 4.68 -3.79
N GLN A 366 5.85 4.00 -4.14
CA GLN A 366 5.51 2.74 -3.51
C GLN A 366 5.26 1.69 -4.59
N HIS A 367 5.55 0.44 -4.22
CA HIS A 367 5.49 -0.69 -5.13
C HIS A 367 4.89 -1.87 -4.38
N ARG A 368 4.08 -2.66 -5.07
CA ARG A 368 3.59 -3.92 -4.56
C ARG A 368 3.82 -4.97 -5.63
N GLN A 369 4.26 -6.16 -5.20
CA GLN A 369 4.64 -7.22 -6.13
C GLN A 369 4.08 -8.55 -5.64
N TYR A 370 3.53 -9.33 -6.57
CA TYR A 370 2.98 -10.64 -6.27
C TYR A 370 3.78 -11.72 -6.98
N LEU A 371 4.03 -12.82 -6.27
CA LEU A 371 4.58 -14.02 -6.88
C LEU A 371 3.98 -15.21 -6.16
N GLY A 372 3.22 -16.03 -6.89
CA GLY A 372 2.47 -17.09 -6.25
C GLY A 372 1.47 -16.52 -5.27
N ASN A 373 1.55 -16.98 -4.02
CA ASN A 373 0.73 -16.44 -2.94
C ASN A 373 1.52 -15.48 -2.05
N ALA A 374 2.72 -15.09 -2.47
CA ALA A 374 3.55 -14.17 -1.70
C ALA A 374 3.31 -12.73 -2.13
N VAL A 375 3.33 -11.83 -1.17
CA VAL A 375 3.13 -10.41 -1.41
C VAL A 375 4.36 -9.66 -0.91
N LEU A 376 4.88 -8.77 -1.74
CA LEU A 376 6.01 -7.90 -1.37
C LEU A 376 5.63 -6.47 -1.68
N ASP A 377 5.70 -5.60 -0.68
CA ASP A 377 5.37 -4.20 -0.88
C ASP A 377 6.26 -3.32 -0.02
N GLY A 378 6.54 -2.13 -0.52
CA GLY A 378 7.36 -1.20 0.22
C GLY A 378 7.30 0.18 -0.40
N SER A 379 7.96 1.11 0.27
CA SER A 379 7.98 2.50 -0.18
C SER A 379 9.31 3.12 0.22
N ILE A 380 9.65 4.21 -0.47
CA ILE A 380 10.75 5.08 -0.09
C ILE A 380 10.25 6.51 -0.18
N ASP A 381 10.59 7.31 0.82
CA ASP A 381 10.03 8.64 0.99
C ASP A 381 11.14 9.65 1.21
N TYR A 382 11.01 10.82 0.57
CA TYR A 382 11.90 11.95 0.77
C TYR A 382 11.09 13.08 1.39
N ARG A 383 11.54 13.58 2.54
CA ARG A 383 10.82 14.61 3.27
C ARG A 383 11.71 15.84 3.42
N ARG A 384 11.07 17.01 3.34
CA ARG A 384 11.72 18.29 3.56
C ARG A 384 10.75 19.18 4.33
N GLY A 385 11.23 19.79 5.41
CA GLY A 385 10.34 20.54 6.29
C GLY A 385 11.00 21.80 6.82
N MSE A 386 10.17 22.80 7.04
CA MSE A 386 10.59 24.07 7.65
C MSE A 386 10.42 24.03 9.17
O MSE A 386 9.86 23.08 9.69
CB MSE A 386 9.79 25.25 7.09
CG MSE A 386 9.71 25.33 5.57
SE MSE A 386 9.25 27.13 4.96
CE MSE A 386 7.44 26.81 4.30
N GLY A 387 10.90 25.07 9.84
CA GLY A 387 10.80 25.16 11.28
C GLY A 387 10.28 26.53 11.68
N VAL A 388 10.21 26.72 13.01
CA VAL A 388 9.80 27.92 13.76
C VAL A 388 8.70 27.48 14.73
N SER A 412 14.17 24.45 8.27
CA SER A 412 15.32 25.00 7.56
C SER A 412 16.01 23.95 6.69
N ARG A 413 15.29 23.47 5.68
CA ARG A 413 15.81 22.50 4.72
C ARG A 413 16.38 21.27 5.43
N ALA A 414 15.50 20.58 6.15
CA ALA A 414 15.86 19.37 6.88
C ALA A 414 15.44 18.15 6.06
N PRO A 415 16.35 17.49 5.35
CA PRO A 415 15.96 16.34 4.52
C PRO A 415 15.95 15.03 5.29
N LEU A 416 14.87 14.26 5.16
CA LEU A 416 14.74 12.97 5.82
C LEU A 416 14.41 11.91 4.78
N TRP A 417 15.15 10.81 4.81
CA TRP A 417 14.88 9.66 3.96
C TRP A 417 14.19 8.59 4.77
N SER A 418 13.07 8.09 4.26
CA SER A 418 12.31 7.05 4.92
C SER A 418 12.06 5.92 3.94
N ALA A 419 12.04 4.70 4.47
CA ALA A 419 11.85 3.53 3.63
C ALA A 419 11.06 2.47 4.39
N ASP A 420 10.38 1.62 3.64
CA ASP A 420 9.51 0.60 4.20
C ASP A 420 9.56 -0.63 3.33
N LEU A 421 9.46 -1.79 3.96
CA LEU A 421 9.43 -3.05 3.23
C LEU A 421 8.62 -4.06 4.03
N ARG A 422 7.72 -4.75 3.34
CA ARG A 422 6.93 -5.80 3.97
C ARG A 422 6.88 -7.01 3.04
N TYR A 423 6.93 -8.20 3.63
CA TYR A 423 6.87 -9.44 2.87
C TYR A 423 6.02 -10.46 3.60
N THR A 424 5.13 -11.12 2.86
CA THR A 424 4.23 -12.13 3.40
C THR A 424 4.19 -13.32 2.46
N THR A 425 4.24 -14.53 3.02
CA THR A 425 4.04 -15.73 2.22
C THR A 425 3.52 -16.83 3.11
N PRO A 426 2.66 -17.71 2.58
CA PRO A 426 2.35 -18.95 3.28
C PRO A 426 3.41 -20.00 3.01
N PHE A 427 3.45 -20.99 3.91
CA PHE A 427 4.39 -22.10 3.76
C PHE A 427 3.96 -23.22 4.67
N LEU A 428 4.46 -24.42 4.39
CA LEU A 428 4.18 -25.59 5.21
C LEU A 428 5.23 -25.70 6.32
N LEU A 429 4.76 -25.97 7.54
CA LEU A 429 5.62 -26.11 8.70
C LEU A 429 5.16 -27.32 9.49
N LEU A 430 6.00 -28.36 9.53
CA LEU A 430 5.63 -29.64 10.15
C LEU A 430 4.28 -30.12 9.63
N ASP A 431 4.07 -29.96 8.32
CA ASP A 431 2.88 -30.41 7.60
C ASP A 431 1.62 -29.66 8.00
N LYS A 432 1.76 -28.48 8.63
CA LYS A 432 0.62 -27.62 8.93
C LYS A 432 0.76 -26.31 8.18
N PRO A 433 -0.33 -25.73 7.68
CA PRO A 433 -0.25 -24.42 7.02
C PRO A 433 0.28 -23.36 7.97
N ALA A 434 1.08 -22.44 7.41
CA ALA A 434 1.71 -21.40 8.20
C ALA A 434 1.88 -20.16 7.34
N GLN A 435 2.22 -19.05 7.99
CA GLN A 435 2.46 -17.78 7.33
C GLN A 435 3.72 -17.15 7.90
N TYR A 436 4.53 -16.56 7.03
CA TYR A 436 5.72 -15.82 7.45
C TYR A 436 5.56 -14.36 7.11
N ARG A 437 5.94 -13.50 8.04
CA ARG A 437 5.75 -12.05 7.89
C ARG A 437 7.01 -11.31 8.31
N LEU A 438 7.46 -10.40 7.44
CA LEU A 438 8.59 -9.53 7.73
C LEU A 438 8.20 -8.09 7.49
N ASN A 439 8.41 -7.25 8.51
CA ASN A 439 8.19 -5.81 8.43
C ASN A 439 9.53 -5.11 8.64
N TRP A 440 9.88 -4.21 7.72
CA TRP A 440 11.12 -3.46 7.81
C TRP A 440 10.85 -1.98 7.56
N ARG A 441 11.38 -1.13 8.43
CA ARG A 441 11.30 0.31 8.28
C ARG A 441 12.66 0.92 8.59
N GLY A 442 13.04 1.91 7.80
CA GLY A 442 14.35 2.51 7.94
C GLY A 442 14.30 4.01 7.72
N GLN A 443 15.22 4.70 8.40
CA GLN A 443 15.31 6.15 8.33
C GLN A 443 16.77 6.56 8.27
N TYR A 444 17.09 7.50 7.37
CA TYR A 444 18.45 8.03 7.23
C TYR A 444 18.36 9.55 7.17
N ALA A 445 19.08 10.21 8.06
CA ALA A 445 19.11 11.68 8.14
C ALA A 445 20.50 12.19 7.84
N PRO A 446 20.71 12.92 6.75
CA PRO A 446 22.04 13.51 6.51
C PRO A 446 22.44 14.54 7.54
N LYS A 447 21.50 15.31 8.07
CA LYS A 447 21.79 16.37 9.01
C LYS A 447 21.22 16.06 10.39
N ILE A 448 21.52 16.94 11.34
CA ILE A 448 21.02 16.79 12.69
C ILE A 448 19.51 16.95 12.70
N LEU A 449 18.84 16.08 13.46
CA LEU A 449 17.39 16.15 13.63
C LEU A 449 17.05 16.63 15.03
N VAL A 450 15.89 17.28 15.14
CA VAL A 450 15.31 17.63 16.43
C VAL A 450 14.85 16.33 17.09
N PRO A 451 14.57 16.31 18.39
CA PRO A 451 14.24 15.03 19.05
C PRO A 451 13.07 14.27 18.44
N ASN A 452 11.98 14.95 18.08
CA ASN A 452 10.80 14.25 17.59
C ASN A 452 11.03 13.58 16.24
N ASP A 453 12.00 14.06 15.45
CA ASP A 453 12.27 13.49 14.14
C ASP A 453 13.13 12.24 14.19
N ARG A 454 13.57 11.82 15.37
CA ARG A 454 14.50 10.70 15.45
C ARG A 454 13.77 9.36 15.30
N PHE A 455 14.56 8.32 15.10
CA PHE A 455 14.06 6.95 14.95
C PHE A 455 14.20 6.25 16.30
N TYR A 456 13.07 5.80 16.85
CA TYR A 456 13.02 5.20 18.17
C TYR A 456 12.72 3.72 18.08
N ILE A 457 13.33 2.95 18.97
CA ILE A 457 13.17 1.48 18.99
C ILE A 457 12.93 1.02 20.41
N GLY A 458 12.14 -0.03 20.57
CA GLY A 458 11.76 -0.61 21.87
C GLY A 458 10.33 -0.28 22.20
N GLY A 459 9.43 -1.25 22.08
CA GLY A 459 7.99 -1.07 22.31
C GLY A 459 7.18 -1.87 21.30
N ARG A 460 5.86 -1.79 21.36
CA ARG A 460 5.00 -2.63 20.51
C ARG A 460 5.08 -2.27 19.04
N TYR A 461 5.57 -1.09 18.69
CA TYR A 461 5.56 -0.64 17.30
C TYR A 461 6.93 -0.74 16.65
N SER A 462 7.97 -0.90 17.42
CA SER A 462 9.31 -0.90 16.85
C SER A 462 10.08 -2.18 17.11
N VAL A 463 10.29 -2.55 18.38
CA VAL A 463 10.86 -3.85 18.71
C VAL A 463 10.02 -4.54 19.79
N ARG A 464 9.27 -5.58 19.43
CA ARG A 464 8.39 -6.22 20.38
C ARG A 464 9.18 -6.96 21.45
N GLY A 465 8.53 -7.20 22.59
CA GLY A 465 9.19 -7.76 23.75
C GLY A 465 9.74 -6.73 24.72
N PHE A 466 9.62 -5.44 24.40
CA PHE A 466 10.08 -4.36 25.26
C PHE A 466 8.90 -3.48 25.62
N ASP A 467 8.90 -2.98 26.87
CA ASP A 467 7.75 -2.25 27.38
C ASP A 467 7.65 -0.85 26.77
N GLY A 468 8.79 -0.28 26.38
CA GLY A 468 8.80 1.07 25.86
C GLY A 468 8.92 2.19 26.85
N GLU A 469 9.22 1.89 28.12
CA GLU A 469 9.47 2.98 29.05
C GLU A 469 10.77 3.70 28.73
N LEU A 470 11.72 2.96 28.20
CA LEU A 470 12.98 3.55 27.76
C LEU A 470 13.22 3.07 26.34
N MSE A 471 13.47 4.01 25.44
CA MSE A 471 13.71 3.67 24.05
C MSE A 471 15.07 4.18 23.60
O MSE A 471 15.53 5.23 24.05
CB MSE A 471 12.61 4.25 23.15
CG MSE A 471 11.23 3.69 23.45
SE MSE A 471 9.83 4.56 22.39
CE MSE A 471 9.93 3.47 20.76
N LEU A 472 15.73 3.40 22.75
CA LEU A 472 16.94 3.86 22.06
C LEU A 472 16.53 4.71 20.87
N SER A 473 17.38 5.67 20.50
CA SER A 473 17.06 6.60 19.43
C SER A 473 18.34 7.06 18.74
N GLY A 474 18.23 7.30 17.44
CA GLY A 474 19.29 7.93 16.68
C GLY A 474 18.67 8.68 15.52
N ASP A 475 19.49 9.53 14.90
CA ASP A 475 19.06 10.21 13.68
C ASP A 475 18.81 9.22 12.55
N ASN A 476 19.63 8.17 12.49
CA ASN A 476 19.43 7.08 11.56
C ASN A 476 18.99 5.85 12.35
N GLY A 477 18.23 4.98 11.69
CA GLY A 477 17.72 3.81 12.38
C GLY A 477 16.94 2.92 11.42
N GLN A 478 16.73 1.69 11.89
CA GLN A 478 15.93 0.73 11.15
C GLN A 478 15.56 -0.40 12.10
N TYR A 479 14.39 -1.00 11.88
CA TYR A 479 14.02 -2.21 12.58
C TYR A 479 13.50 -3.23 11.58
N VAL A 480 13.64 -4.50 11.94
CA VAL A 480 13.06 -5.59 11.17
C VAL A 480 12.28 -6.49 12.12
N GLN A 481 10.99 -6.60 11.90
CA GLN A 481 10.12 -7.48 12.65
C GLN A 481 9.89 -8.76 11.85
N GLN A 482 10.02 -9.90 12.50
CA GLN A 482 9.79 -11.18 11.84
C GLN A 482 8.82 -12.01 12.68
N GLU A 483 7.96 -12.76 12.00
CA GLU A 483 6.87 -13.44 12.68
C GLU A 483 6.43 -14.63 11.84
N ILE A 484 6.13 -15.73 12.51
CA ILE A 484 5.55 -16.93 11.89
C ILE A 484 4.27 -17.27 12.64
N SER A 485 3.18 -17.42 11.92
CA SER A 485 1.90 -17.81 12.50
C SER A 485 1.43 -19.12 11.86
N LEU A 486 0.89 -20.02 12.69
CA LEU A 486 0.32 -21.28 12.25
C LEU A 486 -1.10 -21.41 12.78
N ASN A 487 -1.95 -22.08 12.01
CA ASN A 487 -3.32 -22.30 12.43
C ASN A 487 -3.38 -23.25 13.63
N ALA A 488 -4.19 -22.88 14.60
CA ALA A 488 -4.47 -23.74 15.74
C ALA A 488 -5.39 -24.88 15.32
N PRO A 489 -5.45 -25.96 16.10
CA PRO A 489 -6.41 -27.03 15.79
C PRO A 489 -7.85 -26.57 15.81
N ILE A 490 -8.13 -25.49 16.54
CA ILE A 490 -9.45 -24.88 16.64
C ILE A 490 -9.63 -23.93 15.45
N PRO A 491 -10.83 -23.85 14.85
CA PRO A 491 -10.99 -22.96 13.69
C PRO A 491 -10.84 -21.49 14.05
N ASN A 492 -10.45 -20.71 13.04
CA ASN A 492 -10.34 -19.25 13.13
C ASN A 492 -9.39 -18.79 14.24
N THR A 493 -8.35 -19.57 14.48
CA THR A 493 -7.35 -19.28 15.51
C THR A 493 -5.97 -19.54 14.94
N GLN A 494 -4.97 -18.89 15.53
CA GLN A 494 -3.59 -19.13 15.10
C GLN A 494 -2.63 -18.71 16.20
N PHE A 495 -1.57 -19.50 16.37
CA PHE A 495 -0.46 -19.16 17.25
C PHE A 495 0.61 -18.45 16.44
N TYR A 496 1.39 -17.59 17.10
CA TYR A 496 2.47 -16.92 16.41
C TYR A 496 3.64 -16.68 17.36
N MSE A 497 4.84 -16.73 16.80
CA MSE A 497 6.05 -16.36 17.52
C MSE A 497 6.78 -15.30 16.70
O MSE A 497 6.81 -15.38 15.48
CB MSE A 497 6.95 -17.57 17.76
CG MSE A 497 7.87 -17.43 18.97
SE MSE A 497 9.66 -18.16 18.68
CE MSE A 497 9.18 -19.91 17.95
N ALA A 498 7.35 -14.30 17.37
CA ALA A 498 7.95 -13.18 16.67
C ALA A 498 9.34 -12.87 17.25
N VAL A 499 10.23 -12.43 16.36
CA VAL A 499 11.56 -11.98 16.73
C VAL A 499 11.83 -10.67 16.02
N ASP A 500 12.07 -9.60 16.78
CA ASP A 500 12.28 -8.27 16.25
C ASP A 500 13.68 -7.77 16.60
N GLN A 501 14.14 -6.79 15.83
CA GLN A 501 15.48 -6.23 15.98
C GLN A 501 15.45 -4.75 15.60
N GLY A 502 16.11 -3.93 16.41
CA GLY A 502 16.23 -2.52 16.12
C GLY A 502 17.67 -2.06 16.13
N TRP A 503 17.95 -1.02 15.34
CA TRP A 503 19.28 -0.43 15.24
C TRP A 503 19.16 1.08 15.21
N VAL A 504 20.00 1.76 16.00
CA VAL A 504 20.14 3.21 15.91
C VAL A 504 21.62 3.53 15.76
N ASN A 505 21.90 4.64 15.10
CA ASN A 505 23.25 5.03 14.71
C ASN A 505 23.19 6.49 14.26
N GLY A 506 24.37 7.07 14.03
CA GLY A 506 24.45 8.45 13.63
C GLY A 506 24.50 9.36 14.85
N ARG A 507 24.23 10.64 14.60
CA ARG A 507 24.15 11.58 15.70
C ARG A 507 22.97 11.24 16.60
N ASN A 508 22.99 11.80 17.81
CA ASN A 508 22.01 11.58 18.86
C ASN A 508 21.98 10.12 19.32
N SER A 509 23.06 9.38 19.08
CA SER A 509 23.20 8.00 19.52
C SER A 509 24.59 7.82 20.11
N ILE A 510 24.70 6.91 21.07
CA ILE A 510 25.95 6.62 21.77
C ILE A 510 26.28 5.16 21.57
N PRO A 511 27.51 4.81 21.18
CA PRO A 511 27.83 3.40 20.91
C PRO A 511 27.63 2.52 22.14
N GLY A 512 27.46 1.22 21.87
CA GLY A 512 27.13 0.26 22.90
C GLY A 512 25.67 0.22 23.29
N GLN A 513 24.87 1.22 22.88
CA GLN A 513 23.44 1.27 23.13
C GLN A 513 22.64 1.32 21.83
N ARG A 514 23.09 0.60 20.82
CA ARG A 514 22.58 0.77 19.48
C ARG A 514 21.75 -0.42 18.99
N TYR A 515 21.48 -1.40 19.83
CA TYR A 515 20.87 -2.64 19.37
C TYR A 515 19.86 -3.17 20.37
N LEU A 516 18.75 -3.67 19.85
CA LEU A 516 17.71 -4.32 20.64
C LEU A 516 17.29 -5.62 19.96
N LEU A 517 17.05 -6.64 20.78
CA LEU A 517 16.55 -7.92 20.30
C LEU A 517 15.47 -8.40 21.26
N GLY A 518 14.24 -8.49 20.78
CA GLY A 518 13.14 -8.98 21.59
C GLY A 518 12.44 -10.16 20.93
N SER A 519 11.67 -10.91 21.72
CA SER A 519 10.93 -12.05 21.18
C SER A 519 9.55 -12.07 21.81
N VAL A 520 8.58 -12.57 21.05
CA VAL A 520 7.17 -12.55 21.44
C VAL A 520 6.53 -13.87 21.05
N LEU A 521 5.69 -14.40 21.93
CA LEU A 521 4.88 -15.58 21.68
C LEU A 521 3.45 -15.28 22.07
N GLY A 522 2.51 -15.56 21.18
CA GLY A 522 1.13 -15.23 21.46
C GLY A 522 0.16 -15.97 20.56
N LEU A 523 -1.11 -15.57 20.66
CA LEU A 523 -2.19 -16.18 19.89
C LEU A 523 -3.22 -15.13 19.51
N ARG A 524 -3.98 -15.43 18.47
CA ARG A 524 -5.03 -14.56 17.96
C ARG A 524 -6.23 -15.41 17.57
N THR A 525 -7.44 -14.88 17.80
CA THR A 525 -8.65 -15.62 17.47
C THR A 525 -9.77 -14.66 17.12
N TYR A 526 -10.70 -15.13 16.28
CA TYR A 526 -11.84 -14.36 15.82
C TYR A 526 -13.11 -15.17 16.10
N GLN A 527 -13.98 -14.64 16.95
CA GLN A 527 -15.22 -15.32 17.32
C GLN A 527 -16.41 -14.42 16.98
N ASN A 528 -16.87 -14.50 15.73
CA ASN A 528 -18.13 -13.88 15.33
C ASN A 528 -18.14 -12.39 15.68
N SER A 529 -17.27 -11.64 14.98
CA SER A 529 -17.08 -10.20 15.15
C SER A 529 -16.37 -9.87 16.46
N PHE A 530 -15.60 -10.80 17.02
CA PHE A 530 -14.78 -10.48 18.18
C PHE A 530 -13.36 -10.99 17.96
N TYR A 531 -12.39 -10.10 18.13
CA TYR A 531 -10.99 -10.39 17.83
C TYR A 531 -10.13 -10.21 19.06
N LEU A 532 -9.37 -11.24 19.40
CA LEU A 532 -8.48 -11.24 20.55
C LEU A 532 -7.04 -11.39 20.05
N ASP A 533 -6.14 -10.65 20.68
CA ASP A 533 -4.71 -10.77 20.39
C ASP A 533 -3.97 -10.64 21.73
N ALA A 534 -3.40 -11.74 22.18
CA ALA A 534 -2.66 -11.77 23.44
C ALA A 534 -1.26 -12.30 23.20
N PHE A 535 -0.28 -11.66 23.82
CA PHE A 535 1.10 -12.10 23.68
C PHE A 535 1.85 -11.87 24.98
N THR A 536 2.82 -12.74 25.25
CA THR A 536 3.80 -12.52 26.30
C THR A 536 5.18 -12.54 25.66
N GLY A 537 6.03 -11.59 26.07
CA GLY A 537 7.33 -11.41 25.45
C GLY A 537 8.40 -11.06 26.47
N ARG A 538 9.63 -10.95 25.98
CA ARG A 538 10.75 -10.55 26.81
C ARG A 538 11.84 -9.98 25.92
N GLY A 539 12.67 -9.11 26.51
CA GLY A 539 13.83 -8.60 25.80
C GLY A 539 14.98 -9.56 25.91
N LEU A 540 15.60 -9.87 24.77
CA LEU A 540 16.69 -10.84 24.74
C LEU A 540 18.06 -10.17 24.86
N ILE A 541 18.35 -9.21 23.98
CA ILE A 541 19.61 -8.47 24.02
C ILE A 541 19.29 -6.98 24.11
N ALA A 542 19.88 -6.31 25.09
CA ALA A 542 19.66 -4.89 25.29
C ALA A 542 20.83 -4.32 26.06
N PRO A 543 21.11 -3.02 25.94
CA PRO A 543 22.10 -2.40 26.80
C PRO A 543 21.69 -2.50 28.26
N ASP A 544 22.66 -2.24 29.14
CA ASP A 544 22.42 -2.38 30.57
C ASP A 544 21.31 -1.45 31.05
N SER A 545 21.15 -0.29 30.41
CA SER A 545 20.13 0.67 30.82
C SER A 545 18.72 0.24 30.47
N ILE A 546 18.54 -0.87 29.75
CA ILE A 546 17.23 -1.41 29.41
C ILE A 546 16.97 -2.66 30.24
N LYS A 547 15.75 -2.80 30.72
CA LYS A 547 15.45 -3.78 31.78
C LYS A 547 15.57 -5.22 31.27
N LYS A 548 15.12 -5.50 30.06
CA LYS A 548 14.93 -6.87 29.56
C LYS A 548 13.96 -7.65 30.46
N ASP A 549 12.88 -6.98 30.86
CA ASP A 549 11.88 -7.57 31.73
C ASP A 549 10.85 -8.34 30.89
N TRP A 550 9.92 -9.00 31.56
CA TRP A 550 8.83 -9.70 30.88
C TRP A 550 7.68 -8.73 30.63
N VAL A 551 7.10 -8.82 29.44
CA VAL A 551 6.00 -7.94 29.05
C VAL A 551 4.82 -8.78 28.58
N THR A 552 3.63 -8.25 28.76
CA THR A 552 2.41 -8.88 28.29
C THR A 552 1.58 -7.86 27.50
N GLY A 553 0.70 -8.38 26.65
CA GLY A 553 -0.19 -7.54 25.89
C GLY A 553 -1.49 -8.24 25.56
N PHE A 554 -2.61 -7.56 25.79
CA PHE A 554 -3.94 -8.11 25.52
C PHE A 554 -4.72 -7.09 24.69
N SER A 555 -5.17 -7.51 23.52
CA SER A 555 -5.95 -6.65 22.63
C SER A 555 -7.29 -7.30 22.34
N ILE A 556 -8.36 -6.51 22.44
CA ILE A 556 -9.71 -6.95 22.14
C ILE A 556 -10.35 -5.93 21.22
N ASN A 557 -10.91 -6.40 20.10
CA ASN A 557 -11.62 -5.53 19.17
C ASN A 557 -12.99 -6.11 18.84
N LEU A 558 -13.95 -5.24 18.56
CA LEU A 558 -15.30 -5.61 18.13
C LEU A 558 -15.69 -4.76 16.93
N SER A 559 -15.94 -5.40 15.80
CA SER A 559 -16.42 -4.71 14.61
C SER A 559 -17.87 -5.07 14.36
N TYR A 560 -18.65 -4.08 13.92
CA TYR A 560 -20.06 -4.29 13.61
C TYR A 560 -20.60 -3.16 12.73
S SO4 B . -4.84 8.88 -17.74
O1 SO4 B . -3.82 7.86 -17.91
O2 SO4 B . -4.51 9.71 -16.58
O3 SO4 B . -6.14 8.24 -17.54
O4 SO4 B . -4.91 9.73 -18.93
S SO4 C . 0.72 27.15 39.50
O1 SO4 C . 2.02 26.55 39.24
O2 SO4 C . 0.88 28.28 40.42
O3 SO4 C . -0.16 26.16 40.10
O4 SO4 C . 0.15 27.63 38.25
C1 C8E D . 18.08 6.07 -0.45
C2 C8E D . 17.75 6.01 1.05
C3 C8E D . 16.45 5.23 1.27
C4 C8E D . 16.16 5.14 2.76
C5 C8E D . 17.17 4.22 3.42
C6 C8E D . 17.00 4.30 4.94
C7 C8E D . 17.39 2.97 5.56
C8 C8E D . 18.85 3.00 6.00
O9 C8E D . 18.91 2.79 7.38
C10 C8E D . 20.20 2.82 7.92
C11 C8E D . 20.10 2.86 9.45
O12 C8E D . 20.99 1.93 10.00
C13 C8E D . 21.16 2.05 11.38
C14 C8E D . 22.18 1.02 11.87
O15 C8E D . 22.21 -0.07 10.99
C16 C8E D . 23.02 -1.14 11.43
C17 C8E D . 22.61 -2.43 10.73
O18 C8E D . 22.90 -2.36 9.37
C19 C8E D . 22.86 -3.60 8.70
C20 C8E D . 21.83 -3.56 7.58
O21 C8E D . 22.11 -2.51 6.70
C1 PEG E . -14.06 -15.18 25.46
O1 PEG E . -13.71 -13.89 25.89
C2 PEG E . -15.57 -15.32 25.50
O2 PEG E . -15.98 -16.15 24.45
C3 PEG E . -15.95 -15.54 23.19
C4 PEG E . -16.99 -14.42 23.12
O4 PEG E . -17.15 -14.00 21.80
C1 PEG F . 4.74 27.30 37.80
O1 PEG F . 3.49 26.80 37.42
C2 PEG F . 5.77 26.93 36.73
O2 PEG F . 5.51 27.68 35.58
C3 PEG F . 6.62 27.79 34.73
C4 PEG F . 6.24 28.59 33.48
O4 PEG F . 7.15 28.35 32.46
C1 PEG G . 2.25 17.11 -3.45
O1 PEG G . 1.06 17.38 -2.78
C2 PEG G . 3.23 18.28 -3.28
O2 PEG G . 4.54 17.81 -3.30
C3 PEG G . 5.49 18.84 -3.39
C4 PEG G . 6.62 18.38 -4.29
O4 PEG G . 7.73 19.22 -4.11
#